data_9RMR
#
_entry.id   9RMR
#
_cell.length_a   64.401
_cell.length_b   64.401
_cell.length_c   112.173
_cell.angle_alpha   90.000
_cell.angle_beta   90.000
_cell.angle_gamma   90.000
#
_symmetry.space_group_name_H-M   'P 43 21 2'
#
loop_
_entity.id
_entity.type
_entity.pdbx_description
1 polymer 'Retinoic acid receptor RXR-alpha'
2 polymer 'Nuclear receptor coactivator 2'
3 non-polymer FN558
4 water water
#
loop_
_entity_poly.entity_id
_entity_poly.type
_entity_poly.pdbx_seq_one_letter_code
_entity_poly.pdbx_strand_id
1 'polypeptide(L)'
;SDMPVERILEAELAVEPKTETYVEANMGLNPSSPNDPVTNICQAADKQLFTLVEWAKRIPHFSELPLDDQVILLRAGWNE
LLIASFSHRSIAVKDGILLATGLHVHRNSAHSAGVGAIFDRVLTELVSKMRDMQMDKTELGCLRAIVLFNPDSKGLSNPA
EVEALREKVYASLEAYCKHKYPEQPGRFAKLLLRLPALRSIGLKCLEHLFFFKLIGDTPIDTFLMEMLEAPHQMT
;
A
2 'polypeptide(L)' HKILHRLLQD B
#
# COMPACT_ATOMS: atom_id res chain seq x y z
N MET A 3 -17.78 6.19 -8.99
CA MET A 3 -16.68 5.94 -8.08
C MET A 3 -16.91 6.64 -6.74
N PRO A 4 -17.91 6.18 -5.99
CA PRO A 4 -18.30 6.90 -4.76
C PRO A 4 -17.31 6.64 -3.64
N VAL A 5 -16.93 7.71 -2.92
CA VAL A 5 -15.97 7.56 -1.84
C VAL A 5 -16.51 6.66 -0.74
N GLU A 6 -17.84 6.55 -0.62
CA GLU A 6 -18.42 5.68 0.40
C GLU A 6 -18.02 4.22 0.18
N ARG A 7 -18.00 3.77 -1.08
CA ARG A 7 -17.60 2.40 -1.37
C ARG A 7 -16.13 2.18 -1.03
N ILE A 8 -15.29 3.18 -1.30
CA ILE A 8 -13.86 3.07 -1.00
C ILE A 8 -13.63 3.00 0.50
N LEU A 9 -14.36 3.82 1.27
CA LEU A 9 -14.25 3.73 2.73
C LEU A 9 -14.73 2.37 3.22
N GLU A 10 -15.83 1.85 2.65
CA GLU A 10 -16.31 0.54 3.04
C GLU A 10 -15.26 -0.54 2.78
N ALA A 11 -14.50 -0.42 1.69
CA ALA A 11 -13.44 -1.38 1.41
C ALA A 11 -12.38 -1.36 2.50
N GLU A 12 -11.98 -0.16 2.94
CA GLU A 12 -10.99 -0.06 4.02
C GLU A 12 -11.51 -0.68 5.30
N LEU A 13 -12.75 -0.36 5.68
CA LEU A 13 -13.28 -0.85 6.94
C LEU A 13 -13.47 -2.36 6.92
N ALA A 14 -13.77 -2.92 5.75
CA ALA A 14 -14.05 -4.35 5.66
C ALA A 14 -12.82 -5.21 5.93
N VAL A 15 -11.63 -4.69 5.64
CA VAL A 15 -10.41 -5.50 5.66
C VAL A 15 -9.51 -5.19 6.84
N GLU A 16 -9.90 -4.28 7.72
CA GLU A 16 -9.09 -3.99 8.90
C GLU A 16 -8.89 -5.22 9.78
N ASP A 36 14.14 -11.12 15.86
CA ASP A 36 14.36 -10.39 14.61
C ASP A 36 13.06 -9.77 14.13
N PRO A 37 12.92 -8.45 14.31
CA PRO A 37 11.72 -7.77 13.80
C PRO A 37 11.50 -7.95 12.32
N VAL A 38 12.57 -8.15 11.54
CA VAL A 38 12.40 -8.35 10.10
C VAL A 38 11.59 -9.62 9.82
N THR A 39 11.83 -10.68 10.58
CA THR A 39 11.06 -11.91 10.39
C THR A 39 9.58 -11.68 10.69
N ASN A 40 9.28 -10.94 11.77
CA ASN A 40 7.90 -10.62 12.08
C ASN A 40 7.26 -9.77 11.00
N ILE A 41 8.02 -8.82 10.45
CA ILE A 41 7.51 -7.94 9.41
C ILE A 41 7.14 -8.74 8.16
N CYS A 42 8.02 -9.66 7.76
CA CYS A 42 7.74 -10.46 6.58
C CYS A 42 6.56 -11.40 6.80
N GLN A 43 6.37 -11.89 8.02
CA GLN A 43 5.20 -12.72 8.30
C GLN A 43 3.92 -11.90 8.17
N ALA A 44 3.92 -10.68 8.72
CA ALA A 44 2.75 -9.82 8.60
C ALA A 44 2.48 -9.46 7.15
N ALA A 45 3.53 -9.26 6.36
CA ALA A 45 3.36 -8.90 4.95
C ALA A 45 2.73 -10.04 4.16
N ASP A 46 3.15 -11.28 4.42
CA ASP A 46 2.52 -12.42 3.75
C ASP A 46 1.05 -12.52 4.12
N LYS A 47 0.73 -12.37 5.42
CA LYS A 47 -0.65 -12.38 5.87
C LYS A 47 -1.47 -11.31 5.15
N GLN A 48 -0.94 -10.09 5.04
CA GLN A 48 -1.72 -9.00 4.47
C GLN A 48 -1.86 -9.10 2.96
N LEU A 49 -1.03 -9.89 2.29
CA LEU A 49 -1.20 -10.06 0.85
C LEU A 49 -2.52 -10.77 0.54
N PHE A 50 -2.92 -11.73 1.38
CA PHE A 50 -4.22 -12.38 1.17
C PHE A 50 -5.36 -11.38 1.33
N THR A 51 -5.28 -10.54 2.36
CA THR A 51 -6.32 -9.55 2.62
C THR A 51 -6.33 -8.45 1.56
N LEU A 52 -5.15 -8.16 0.97
CA LEU A 52 -5.08 -7.16 -0.09
C LEU A 52 -5.93 -7.54 -1.29
N VAL A 53 -5.94 -8.83 -1.65
CA VAL A 53 -6.76 -9.27 -2.79
C VAL A 53 -8.24 -9.02 -2.49
N GLU A 54 -8.67 -9.30 -1.26
CA GLU A 54 -10.06 -9.06 -0.90
C GLU A 54 -10.38 -7.57 -0.91
N TRP A 55 -9.43 -6.73 -0.51
CA TRP A 55 -9.63 -5.28 -0.57
C TRP A 55 -9.86 -4.82 -2.00
N ALA A 56 -9.00 -5.26 -2.93
CA ALA A 56 -9.09 -4.83 -4.33
C ALA A 56 -10.43 -5.21 -4.95
N LYS A 57 -10.96 -6.38 -4.60
CA LYS A 57 -12.26 -6.80 -5.13
C LYS A 57 -13.39 -5.87 -4.69
N ARG A 58 -13.20 -5.13 -3.60
CA ARG A 58 -14.23 -4.23 -3.09
C ARG A 58 -14.08 -2.80 -3.60
N ILE A 59 -13.05 -2.51 -4.38
CA ILE A 59 -12.92 -1.19 -5.01
C ILE A 59 -13.77 -1.20 -6.28
N PRO A 60 -14.65 -0.21 -6.46
CA PRO A 60 -15.53 -0.20 -7.64
C PRO A 60 -14.77 -0.40 -8.94
N HIS A 61 -15.27 -1.34 -9.75
CA HIS A 61 -14.89 -1.64 -11.13
C HIS A 61 -13.62 -2.47 -11.24
N PHE A 62 -12.88 -2.71 -10.15
CA PHE A 62 -11.66 -3.51 -10.26
C PHE A 62 -11.96 -4.93 -10.75
N SER A 63 -12.98 -5.57 -10.17
CA SER A 63 -13.27 -6.96 -10.52
C SER A 63 -13.83 -7.12 -11.93
N GLU A 64 -14.20 -6.03 -12.59
CA GLU A 64 -14.69 -6.07 -13.95
C GLU A 64 -13.58 -5.93 -14.99
N LEU A 65 -12.36 -5.62 -14.56
CA LEU A 65 -11.23 -5.65 -15.46
C LEU A 65 -10.90 -7.08 -15.86
N PRO A 66 -10.28 -7.30 -17.01
CA PRO A 66 -9.82 -8.64 -17.37
C PRO A 66 -8.88 -9.19 -16.30
N LEU A 67 -8.97 -10.51 -16.09
CA LEU A 67 -8.19 -11.15 -15.04
C LEU A 67 -6.71 -10.85 -15.16
N ASP A 68 -6.17 -10.90 -16.39
CA ASP A 68 -4.76 -10.59 -16.60
C ASP A 68 -4.43 -9.18 -16.13
N ASP A 69 -5.35 -8.23 -16.29
CA ASP A 69 -5.09 -6.87 -15.86
C ASP A 69 -5.18 -6.73 -14.34
N GLN A 70 -6.12 -7.45 -13.72
CA GLN A 70 -6.17 -7.48 -12.25
C GLN A 70 -4.85 -7.97 -11.67
N VAL A 71 -4.27 -9.00 -12.29
CA VAL A 71 -2.98 -9.53 -11.83
C VAL A 71 -1.88 -8.51 -12.02
N ILE A 72 -1.85 -7.85 -13.19
CA ILE A 72 -0.83 -6.85 -13.47
C ILE A 72 -0.89 -5.72 -12.45
N LEU A 73 -2.09 -5.22 -12.15
CA LEU A 73 -2.21 -4.09 -11.24
C LEU A 73 -1.77 -4.47 -9.83
N LEU A 74 -2.13 -5.68 -9.36
CA LEU A 74 -1.75 -6.07 -8.01
C LEU A 74 -0.26 -6.38 -7.91
N ARG A 75 0.31 -7.04 -8.92
CA ARG A 75 1.75 -7.28 -8.87
C ARG A 75 2.54 -5.97 -8.96
N ALA A 76 1.97 -4.95 -9.62
CA ALA A 76 2.67 -3.67 -9.73
C ALA A 76 2.52 -2.81 -8.48
N GLY A 77 1.44 -2.98 -7.72
CA GLY A 77 1.19 -2.05 -6.63
C GLY A 77 1.18 -2.60 -5.22
N TRP A 78 1.34 -3.92 -5.05
CA TRP A 78 1.10 -4.54 -3.75
C TRP A 78 1.96 -3.92 -2.65
N ASN A 79 3.23 -3.62 -2.95
CA ASN A 79 4.09 -3.15 -1.86
C ASN A 79 3.74 -1.74 -1.43
N GLU A 80 3.48 -0.83 -2.38
CA GLU A 80 3.01 0.50 -2.01
C GLU A 80 1.67 0.43 -1.29
N LEU A 81 0.76 -0.45 -1.75
CA LEU A 81 -0.54 -0.58 -1.10
C LEU A 81 -0.41 -1.03 0.34
N LEU A 82 0.51 -1.95 0.61
CA LEU A 82 0.64 -2.45 1.97
C LEU A 82 1.40 -1.47 2.86
N ILE A 83 2.35 -0.73 2.29
CA ILE A 83 3.08 0.28 3.07
C ILE A 83 2.15 1.41 3.50
N ALA A 84 1.29 1.87 2.59
CA ALA A 84 0.32 2.90 2.95
C ALA A 84 -0.57 2.42 4.10
N SER A 85 -0.97 1.15 4.07
CA SER A 85 -1.87 0.62 5.09
C SER A 85 -1.22 0.58 6.46
N PHE A 86 -0.04 -0.04 6.58
CA PHE A 86 0.56 -0.13 7.91
C PHE A 86 1.03 1.24 8.39
N SER A 87 1.38 2.15 7.48
CA SER A 87 1.75 3.49 7.90
C SER A 87 0.57 4.21 8.55
N HIS A 88 -0.61 4.13 7.93
CA HIS A 88 -1.77 4.80 8.51
C HIS A 88 -2.22 4.13 9.79
N ARG A 89 -2.06 2.80 9.90
CA ARG A 89 -2.38 2.09 11.12
C ARG A 89 -1.51 2.55 12.29
N SER A 90 -0.36 3.15 12.01
CA SER A 90 0.65 3.45 13.01
C SER A 90 0.63 4.91 13.48
N ILE A 91 -0.40 5.68 13.10
CA ILE A 91 -0.39 7.12 13.38
C ILE A 91 -0.35 7.42 14.88
N ALA A 92 -0.93 6.56 15.69
CA ALA A 92 -0.97 6.79 17.13
C ALA A 92 0.18 6.12 17.85
N VAL A 93 1.05 5.45 17.11
CA VAL A 93 2.26 4.85 17.66
C VAL A 93 3.36 5.91 17.67
N LYS A 94 4.04 6.04 18.80
CA LYS A 94 5.17 6.96 18.90
C LYS A 94 6.44 6.24 18.45
N ASP A 95 7.06 6.76 17.37
CA ASP A 95 8.37 6.30 16.93
C ASP A 95 8.38 4.80 16.59
N GLY A 96 7.28 4.31 16.05
CA GLY A 96 7.22 2.90 15.71
C GLY A 96 6.07 2.60 14.76
N ILE A 97 5.89 1.31 14.49
CA ILE A 97 4.81 0.85 13.61
C ILE A 97 4.05 -0.29 14.30
N LEU A 98 2.81 -0.48 13.86
CA LEU A 98 1.96 -1.55 14.36
C LEU A 98 1.77 -2.56 13.23
N LEU A 99 2.29 -3.78 13.42
CA LEU A 99 2.13 -4.81 12.41
C LEU A 99 0.70 -5.33 12.41
N ALA A 100 0.30 -5.91 11.28
CA ALA A 100 -1.03 -6.49 11.17
C ALA A 100 -1.23 -7.69 12.08
N THR A 101 -0.14 -8.29 12.57
CA THR A 101 -0.18 -9.37 13.54
C THR A 101 -0.45 -8.88 14.96
N GLY A 102 -0.46 -7.56 15.19
CA GLY A 102 -0.67 -7.03 16.52
C GLY A 102 0.59 -6.65 17.27
N LEU A 103 1.75 -6.84 16.67
CA LEU A 103 3.03 -6.55 17.32
C LEU A 103 3.45 -5.11 17.02
N HIS A 104 3.72 -4.35 18.08
CA HIS A 104 4.34 -3.05 17.92
C HIS A 104 5.85 -3.20 17.77
N VAL A 105 6.42 -2.47 16.81
CA VAL A 105 7.86 -2.46 16.58
C VAL A 105 8.35 -1.03 16.70
N HIS A 106 9.24 -0.78 17.65
CA HIS A 106 9.84 0.52 17.87
C HIS A 106 11.04 0.71 16.94
N ARG A 107 11.37 1.98 16.67
CA ARG A 107 12.49 2.24 15.76
C ARG A 107 13.81 1.73 16.34
N ASN A 108 13.95 1.69 17.67
CA ASN A 108 15.15 1.12 18.27
C ASN A 108 15.33 -0.33 17.86
N SER A 109 14.23 -1.09 17.81
CA SER A 109 14.30 -2.50 17.41
C SER A 109 14.67 -2.63 15.95
N ALA A 110 14.11 -1.77 15.08
CA ALA A 110 14.45 -1.82 13.67
C ALA A 110 15.92 -1.49 13.44
N HIS A 111 16.42 -0.45 14.12
N HIS A 111 16.42 -0.45 14.12
CA HIS A 111 17.84 -0.11 14.01
CA HIS A 111 17.83 -0.13 13.98
C HIS A 111 18.71 -1.28 14.45
C HIS A 111 18.72 -1.27 14.45
N SER A 112 18.38 -1.89 15.58
CA SER A 112 19.16 -3.00 16.10
C SER A 112 19.14 -4.21 15.18
N ALA A 113 18.21 -4.28 14.24
CA ALA A 113 18.10 -5.40 13.30
C ALA A 113 18.69 -5.11 11.93
N GLY A 114 19.21 -3.89 11.72
CA GLY A 114 19.88 -3.56 10.47
C GLY A 114 19.03 -2.91 9.42
N VAL A 115 17.83 -2.45 9.75
CA VAL A 115 16.95 -1.79 8.77
C VAL A 115 16.51 -0.43 9.29
N GLY A 116 17.40 0.24 10.04
CA GLY A 116 17.01 1.48 10.68
C GLY A 116 16.74 2.61 9.70
N ALA A 117 17.53 2.70 8.63
CA ALA A 117 17.38 3.83 7.70
C ALA A 117 16.04 3.82 7.01
N ILE A 118 15.63 2.68 6.44
CA ILE A 118 14.36 2.64 5.74
C ILE A 118 13.20 2.79 6.73
N PHE A 119 13.35 2.26 7.94
CA PHE A 119 12.31 2.43 8.96
C PHE A 119 12.11 3.90 9.30
N ASP A 120 13.20 4.65 9.43
CA ASP A 120 13.10 6.08 9.71
C ASP A 120 12.46 6.84 8.56
N ARG A 121 12.71 6.40 7.32
CA ARG A 121 12.03 7.03 6.18
C ARG A 121 10.51 6.87 6.30
N VAL A 122 10.04 5.68 6.68
CA VAL A 122 8.61 5.46 6.84
C VAL A 122 8.04 6.37 7.91
N LEU A 123 8.74 6.49 9.04
CA LEU A 123 8.27 7.34 10.12
C LEU A 123 8.22 8.80 9.72
N THR A 124 9.28 9.28 9.05
CA THR A 124 9.39 10.73 8.79
C THR A 124 8.61 11.15 7.56
N GLU A 125 8.57 10.32 6.52
CA GLU A 125 7.92 10.72 5.28
C GLU A 125 6.47 10.27 5.18
N LEU A 126 6.06 9.23 5.92
CA LEU A 126 4.69 8.74 5.83
C LEU A 126 3.94 8.87 7.16
N VAL A 127 4.35 8.17 8.21
CA VAL A 127 3.54 8.09 9.43
C VAL A 127 3.37 9.47 10.05
N SER A 128 4.47 10.20 10.24
CA SER A 128 4.39 11.49 10.90
C SER A 128 3.58 12.48 10.08
N LYS A 129 3.66 12.39 8.75
CA LYS A 129 2.92 13.31 7.90
C LYS A 129 1.44 12.96 7.85
N MET A 130 1.11 11.67 7.87
CA MET A 130 -0.28 11.26 8.02
C MET A 130 -0.84 11.73 9.35
N ARG A 131 -0.05 11.66 10.41
CA ARG A 131 -0.50 12.12 11.72
C ARG A 131 -0.71 13.62 11.73
N ASP A 132 0.23 14.37 11.16
CA ASP A 132 0.20 15.84 11.27
C ASP A 132 -1.03 16.42 10.60
N MET A 133 -1.43 15.88 9.44
CA MET A 133 -2.63 16.35 8.76
C MET A 133 -3.88 15.56 9.14
N GLN A 134 -3.75 14.56 10.01
CA GLN A 134 -4.88 13.70 10.39
C GLN A 134 -5.59 13.16 9.16
N MET A 135 -4.81 12.58 8.24
CA MET A 135 -5.37 11.89 7.08
C MET A 135 -6.39 10.86 7.56
N ASP A 136 -7.60 10.90 6.99
CA ASP A 136 -8.65 10.00 7.43
C ASP A 136 -8.72 8.77 6.52
N LYS A 137 -9.61 7.83 6.87
CA LYS A 137 -9.61 6.53 6.19
C LYS A 137 -10.19 6.62 4.79
N THR A 138 -11.09 7.57 4.54
CA THR A 138 -11.56 7.79 3.17
C THR A 138 -10.42 8.28 2.28
N GLU A 139 -9.63 9.24 2.79
CA GLU A 139 -8.49 9.75 2.02
C GLU A 139 -7.46 8.66 1.79
N LEU A 140 -7.15 7.88 2.83
CA LEU A 140 -6.24 6.74 2.68
C LEU A 140 -6.73 5.78 1.61
N GLY A 141 -8.01 5.41 1.69
CA GLY A 141 -8.55 4.48 0.71
C GLY A 141 -8.48 5.01 -0.70
N CYS A 142 -8.75 6.32 -0.87
CA CYS A 142 -8.66 6.92 -2.19
C CYS A 142 -7.23 6.92 -2.71
N LEU A 143 -6.25 7.25 -1.86
CA LEU A 143 -4.86 7.19 -2.30
C LEU A 143 -4.47 5.76 -2.69
N ARG A 144 -4.94 4.77 -1.94
CA ARG A 144 -4.63 3.39 -2.30
C ARG A 144 -5.32 2.99 -3.60
N ALA A 145 -6.55 3.46 -3.82
CA ALA A 145 -7.21 3.15 -5.09
C ALA A 145 -6.50 3.80 -6.27
N ILE A 146 -5.93 5.00 -6.08
CA ILE A 146 -5.12 5.64 -7.12
C ILE A 146 -3.90 4.79 -7.43
N VAL A 147 -3.22 4.31 -6.39
CA VAL A 147 -2.07 3.43 -6.57
C VAL A 147 -2.47 2.15 -7.29
N LEU A 148 -3.60 1.55 -6.89
CA LEU A 148 -4.06 0.32 -7.53
C LEU A 148 -4.31 0.54 -9.03
N PHE A 149 -5.01 1.61 -9.37
CA PHE A 149 -5.32 1.93 -10.77
C PHE A 149 -4.14 2.69 -11.39
N ASN A 150 -3.01 1.99 -11.50
CA ASN A 150 -1.79 2.57 -12.05
C ASN A 150 -1.74 2.32 -13.56
N PRO A 151 -2.04 3.33 -14.39
CA PRO A 151 -2.12 3.09 -15.84
C PRO A 151 -0.77 2.92 -16.50
N ASP A 152 0.31 3.15 -15.76
CA ASP A 152 1.66 2.93 -16.27
C ASP A 152 2.12 1.48 -16.12
N SER A 153 1.32 0.64 -15.47
CA SER A 153 1.69 -0.76 -15.30
C SER A 153 1.86 -1.45 -16.64
N LYS A 154 2.97 -2.16 -16.80
CA LYS A 154 3.32 -2.71 -18.10
C LYS A 154 2.44 -3.92 -18.43
N GLY A 155 2.01 -3.99 -19.68
CA GLY A 155 1.28 -5.15 -20.18
C GLY A 155 -0.22 -5.06 -20.10
N LEU A 156 -0.78 -3.98 -19.55
CA LEU A 156 -2.23 -3.81 -19.47
C LEU A 156 -2.86 -3.90 -20.85
N SER A 157 -4.01 -4.57 -20.93
CA SER A 157 -4.69 -4.73 -22.20
C SER A 157 -5.30 -3.43 -22.69
N ASN A 158 -5.71 -2.56 -21.78
CA ASN A 158 -6.32 -1.28 -22.13
C ASN A 158 -5.93 -0.24 -21.08
N PRO A 159 -4.73 0.33 -21.20
CA PRO A 159 -4.29 1.32 -20.21
C PRO A 159 -5.24 2.51 -20.08
N ALA A 160 -5.91 2.89 -21.16
CA ALA A 160 -6.80 4.04 -21.12
C ALA A 160 -7.95 3.84 -20.13
N GLU A 161 -8.45 2.60 -20.01
CA GLU A 161 -9.54 2.38 -19.07
C GLU A 161 -9.07 2.43 -17.62
N VAL A 162 -7.82 2.01 -17.35
CA VAL A 162 -7.28 2.15 -16.01
C VAL A 162 -7.02 3.62 -15.70
N GLU A 163 -6.52 4.37 -16.68
CA GLU A 163 -6.40 5.81 -16.54
C GLU A 163 -7.73 6.45 -16.17
N ALA A 164 -8.81 6.02 -16.84
CA ALA A 164 -10.13 6.59 -16.57
C ALA A 164 -10.58 6.28 -15.15
N LEU A 165 -10.31 5.07 -14.66
CA LEU A 165 -10.67 4.72 -13.30
C LEU A 165 -9.88 5.54 -12.28
N ARG A 166 -8.58 5.74 -12.55
CA ARG A 166 -7.78 6.60 -11.67
C ARG A 166 -8.33 8.02 -11.62
N GLU A 167 -8.70 8.56 -12.79
CA GLU A 167 -9.26 9.91 -12.86
C GLU A 167 -10.55 10.02 -12.05
N LYS A 168 -11.39 8.97 -12.11
CA LYS A 168 -12.61 8.98 -11.31
C LYS A 168 -12.28 9.01 -9.82
N VAL A 169 -11.25 8.27 -9.40
CA VAL A 169 -10.89 8.25 -7.98
C VAL A 169 -10.42 9.63 -7.53
N TYR A 170 -9.50 10.26 -8.27
CA TYR A 170 -8.99 11.51 -7.73
C TYR A 170 -9.99 12.65 -7.89
N ALA A 171 -10.94 12.55 -8.83
CA ALA A 171 -12.04 13.50 -8.86
C ALA A 171 -12.91 13.36 -7.61
N SER A 172 -13.25 12.13 -7.24
CA SER A 172 -14.05 11.91 -6.04
C SER A 172 -13.29 12.34 -4.79
N LEU A 173 -11.98 12.09 -4.75
CA LEU A 173 -11.20 12.48 -3.59
C LEU A 173 -11.16 14.00 -3.42
N GLU A 174 -10.93 14.73 -4.51
CA GLU A 174 -10.88 16.19 -4.41
C GLU A 174 -12.19 16.75 -3.90
N ALA A 175 -13.32 16.27 -4.46
CA ALA A 175 -14.63 16.73 -4.01
C ALA A 175 -14.85 16.39 -2.53
N TYR A 176 -14.39 15.21 -2.10
CA TYR A 176 -14.51 14.85 -0.69
C TYR A 176 -13.72 15.81 0.19
N CYS A 177 -12.47 16.08 -0.17
CA CYS A 177 -11.64 16.99 0.63
C CYS A 177 -12.26 18.38 0.69
N LYS A 178 -12.80 18.86 -0.43
CA LYS A 178 -13.39 20.20 -0.46
C LYS A 178 -14.66 20.26 0.39
N HIS A 179 -15.43 19.18 0.44
CA HIS A 179 -16.67 19.16 1.22
C HIS A 179 -16.39 18.99 2.71
N LYS A 180 -15.49 18.09 3.08
CA LYS A 180 -15.25 17.77 4.48
C LYS A 180 -14.24 18.70 5.14
N TYR A 181 -13.28 19.22 4.39
CA TYR A 181 -12.25 20.11 4.93
C TYR A 181 -12.20 21.40 4.10
N PRO A 182 -13.30 22.16 4.08
CA PRO A 182 -13.33 23.33 3.20
C PRO A 182 -12.34 24.42 3.58
N GLU A 183 -11.91 24.46 4.83
CA GLU A 183 -10.94 25.46 5.26
C GLU A 183 -9.50 25.07 4.95
N GLN A 184 -9.28 23.95 4.25
CA GLN A 184 -7.95 23.47 3.89
C GLN A 184 -7.85 23.29 2.38
N PRO A 185 -7.77 24.40 1.62
CA PRO A 185 -7.77 24.27 0.15
C PRO A 185 -6.55 23.53 -0.41
N GLY A 186 -5.45 23.44 0.33
CA GLY A 186 -4.31 22.71 -0.18
C GLY A 186 -4.28 21.23 0.15
N ARG A 187 -5.34 20.71 0.79
CA ARG A 187 -5.27 19.37 1.37
C ARG A 187 -5.21 18.29 0.30
N PHE A 188 -5.95 18.47 -0.80
CA PHE A 188 -5.93 17.49 -1.89
C PHE A 188 -4.54 17.35 -2.47
N ALA A 189 -3.88 18.47 -2.76
CA ALA A 189 -2.51 18.42 -3.28
C ALA A 189 -1.56 17.78 -2.27
N LYS A 190 -1.76 18.09 -0.98
CA LYS A 190 -0.93 17.52 0.07
C LYS A 190 -1.02 15.99 0.08
N LEU A 191 -2.22 15.45 -0.10
CA LEU A 191 -2.38 14.00 -0.15
C LEU A 191 -1.63 13.41 -1.35
N LEU A 192 -1.84 13.97 -2.54
CA LEU A 192 -1.19 13.43 -3.74
C LEU A 192 0.33 13.52 -3.65
N LEU A 193 0.86 14.54 -2.98
CA LEU A 193 2.30 14.72 -2.93
C LEU A 193 2.99 13.84 -1.89
N ARG A 194 2.26 12.93 -1.24
CA ARG A 194 2.90 11.84 -0.52
C ARG A 194 3.17 10.62 -1.39
N LEU A 195 2.64 10.59 -2.61
CA LEU A 195 2.82 9.43 -3.47
C LEU A 195 4.25 9.26 -3.99
N PRO A 196 5.02 10.33 -4.25
CA PRO A 196 6.43 10.09 -4.60
C PRO A 196 7.22 9.44 -3.48
N ALA A 197 7.01 9.87 -2.22
CA ALA A 197 7.67 9.21 -1.11
C ALA A 197 7.24 7.75 -1.01
N LEU A 198 5.95 7.48 -1.19
CA LEU A 198 5.47 6.10 -1.14
C LEU A 198 6.12 5.26 -2.22
N ARG A 199 6.26 5.82 -3.43
CA ARG A 199 6.91 5.10 -4.52
C ARG A 199 8.36 4.75 -4.17
N SER A 200 9.10 5.73 -3.64
N SER A 200 9.10 5.73 -3.64
N SER A 200 9.11 5.76 -3.69
CA SER A 200 10.50 5.52 -3.32
CA SER A 200 10.51 5.51 -3.33
CA SER A 200 10.49 5.56 -3.29
C SER A 200 10.68 4.51 -2.19
C SER A 200 10.68 4.51 -2.19
C SER A 200 10.61 4.46 -2.23
N ILE A 201 9.85 4.60 -1.15
CA ILE A 201 9.96 3.67 -0.03
C ILE A 201 9.56 2.27 -0.47
N GLY A 202 8.57 2.16 -1.35
CA GLY A 202 8.22 0.86 -1.91
C GLY A 202 9.38 0.21 -2.64
N LEU A 203 10.08 0.99 -3.47
CA LEU A 203 11.21 0.44 -4.22
C LEU A 203 12.34 0.01 -3.28
N LYS A 204 12.60 0.80 -2.23
CA LYS A 204 13.68 0.46 -1.32
C LYS A 204 13.34 -0.78 -0.50
N CYS A 205 12.08 -0.91 -0.08
CA CYS A 205 11.66 -2.11 0.63
C CYS A 205 11.83 -3.36 -0.23
N LEU A 206 11.54 -3.25 -1.53
CA LEU A 206 11.74 -4.40 -2.42
C LEU A 206 13.20 -4.79 -2.51
N GLU A 207 14.11 -3.80 -2.55
CA GLU A 207 15.54 -4.08 -2.57
C GLU A 207 15.96 -4.88 -1.35
N HIS A 208 15.45 -4.51 -0.17
CA HIS A 208 15.77 -5.25 1.04
C HIS A 208 15.27 -6.68 0.96
N LEU A 209 14.01 -6.86 0.52
CA LEU A 209 13.42 -8.20 0.48
C LEU A 209 14.19 -9.11 -0.46
N PHE A 210 14.56 -8.62 -1.64
CA PHE A 210 15.39 -9.41 -2.54
C PHE A 210 16.72 -9.76 -1.89
N PHE A 211 17.27 -8.85 -1.09
CA PHE A 211 18.54 -9.15 -0.43
C PHE A 211 18.35 -10.19 0.67
N PHE A 212 17.30 -10.08 1.48
CA PHE A 212 17.01 -11.12 2.47
C PHE A 212 16.88 -12.48 1.79
N LYS A 213 16.17 -12.52 0.66
CA LYS A 213 16.02 -13.75 -0.10
C LYS A 213 17.38 -14.30 -0.51
N LEU A 214 18.28 -13.43 -0.95
CA LEU A 214 19.61 -13.85 -1.36
C LEU A 214 20.43 -14.39 -0.19
N ILE A 215 20.37 -13.71 0.95
CA ILE A 215 21.17 -14.13 2.10
C ILE A 215 20.64 -15.43 2.68
N GLY A 216 19.32 -15.59 2.70
CA GLY A 216 18.73 -16.83 3.16
C GLY A 216 18.54 -16.97 4.65
N ASP A 217 18.75 -15.91 5.42
CA ASP A 217 18.66 -15.97 6.88
C ASP A 217 17.33 -15.44 7.42
N THR A 218 16.35 -15.24 6.55
CA THR A 218 15.08 -14.64 6.93
C THR A 218 13.96 -15.45 6.30
N PRO A 219 13.05 -16.03 7.08
CA PRO A 219 11.94 -16.79 6.49
C PRO A 219 11.04 -15.91 5.64
N ILE A 220 10.69 -16.41 4.46
CA ILE A 220 9.78 -15.72 3.54
C ILE A 220 8.72 -16.72 3.10
N ASP A 221 7.45 -16.42 3.41
CA ASP A 221 6.34 -17.33 3.19
C ASP A 221 5.87 -17.29 1.73
N THR A 222 4.89 -18.14 1.40
CA THR A 222 4.67 -18.51 -0.01
C THR A 222 4.15 -17.35 -0.86
N PHE A 223 3.25 -16.53 -0.31
CA PHE A 223 2.66 -15.47 -1.13
C PHE A 223 3.64 -14.32 -1.30
N LEU A 224 4.31 -13.93 -0.22
CA LEU A 224 5.38 -12.94 -0.33
C LEU A 224 6.45 -13.40 -1.31
N MET A 225 6.84 -14.68 -1.23
CA MET A 225 7.83 -15.20 -2.16
C MET A 225 7.34 -15.14 -3.60
N GLU A 226 6.06 -15.43 -3.82
CA GLU A 226 5.51 -15.36 -5.17
C GLU A 226 5.55 -13.95 -5.71
N MET A 227 5.30 -12.95 -4.87
CA MET A 227 5.40 -11.56 -5.32
C MET A 227 6.83 -11.17 -5.67
N LEU A 228 7.82 -11.85 -5.10
CA LEU A 228 9.22 -11.63 -5.45
C LEU A 228 9.67 -12.44 -6.66
N GLU A 229 8.78 -13.25 -7.24
CA GLU A 229 9.10 -13.98 -8.46
C GLU A 229 9.13 -13.05 -9.66
N ALA A 230 9.87 -13.45 -10.68
CA ALA A 230 9.83 -12.74 -11.95
C ALA A 230 8.44 -12.87 -12.57
N PRO A 231 8.02 -11.87 -13.35
CA PRO A 231 6.70 -11.97 -14.01
C PRO A 231 6.72 -12.96 -15.16
N HIS A 232 5.53 -13.27 -15.66
CA HIS A 232 5.38 -14.17 -16.80
C HIS A 232 5.26 -13.39 -18.10
N HIS B 1 2.52 -16.52 -9.86
CA HIS B 1 1.22 -15.88 -9.94
C HIS B 1 0.13 -16.90 -9.64
N LYS B 2 0.56 -18.10 -9.27
CA LYS B 2 -0.38 -19.19 -9.00
C LYS B 2 -1.33 -18.84 -7.86
N ILE B 3 -0.79 -18.41 -6.73
CA ILE B 3 -1.62 -18.04 -5.58
C ILE B 3 -2.51 -16.86 -5.93
N LEU B 4 -1.94 -15.84 -6.56
CA LEU B 4 -2.69 -14.62 -6.87
C LEU B 4 -3.88 -14.92 -7.77
N HIS B 5 -3.68 -15.70 -8.83
CA HIS B 5 -4.79 -16.07 -9.70
C HIS B 5 -5.86 -16.81 -8.93
N ARG B 6 -5.47 -17.78 -8.10
CA ARG B 6 -6.46 -18.58 -7.38
C ARG B 6 -7.30 -17.72 -6.46
N LEU B 7 -6.69 -16.70 -5.85
CA LEU B 7 -7.43 -15.82 -4.95
C LEU B 7 -8.33 -14.84 -5.68
N LEU B 8 -8.07 -14.57 -6.95
CA LEU B 8 -8.86 -13.61 -7.71
C LEU B 8 -10.11 -14.22 -8.33
N GLN B 9 -10.33 -15.52 -8.17
CA GLN B 9 -11.56 -16.16 -8.65
C GLN B 9 -12.78 -15.42 -8.13
#